data_6HT5
#
_entry.id   6HT5
#
_cell.length_a   165.170
_cell.length_b   165.170
_cell.length_c   39.780
_cell.angle_alpha   90.00
_cell.angle_beta   90.00
_cell.angle_gamma   120.00
#
_symmetry.space_group_name_H-M   'P 63'
#
loop_
_entity.id
_entity.type
_entity.pdbx_description
1 polymer "DNA (5'-D(P*CP*CP*TP*CP*AP*TP*TP*GP*TP*TP*AP*TP*GP*CP*TP*AP*GP*TP*GP*AP*AP*G)-3')"
2 polymer "DNA (5'-D(*TP*TP*CP*AP*CP*TP*AP*GP*CP*AP*TP*AP*AP*CP*AP*AP*TP*GP*AP*GP*G)-3')"
3 polymer 'Transcription factor SOX-2'
4 polymer 'POU domain, class 5, transcription factor 1'
#
loop_
_entity_poly.entity_id
_entity_poly.type
_entity_poly.pdbx_seq_one_letter_code
_entity_poly.pdbx_strand_id
1 'polydeoxyribonucleotide'
;(DC)(DC)(DT)(DC)(DA)(DT)(DT)(DG)(DT)(DT)(DA)(DT)(DG)(DC)(DT)(DA)(DG)(DT)(DG)(DA)
(DA)(DG)
;
A
2 'polydeoxyribonucleotide'
;(DT)(DT)(DC)(DA)(DC)(DT)(DA)(DG)(DC)(DA)(DT)(DA)(DA)(DC)(DA)(DA)(DT)(DG)(DA)(DG)
(DG)
;
B
3 'polypeptide(L)'
;GAMDRVKRPMNAFMVWSRGQRRKMAQENPKMHNSEISKRLGAEWKLLSETEKRPFIDEAKRLRALHMKEHPDYKYRPRRK
TKT
;
D
4 'polypeptide(L)'
;GADMKALQKELEQFAKLLKQKRITLGYTQADVGLTLGVLFGKVFSQTTISRFEALQLSLKNMSKLRPLLEKWVEEADNNE
NLQEISKSETLVQARKRKRTSIENRVRWSLETMFLKSPKPSLQQITHIANQLGLEKDVVRVWFSNRRQKGKRSS
;
E
#
loop_
_chem_comp.id
_chem_comp.type
_chem_comp.name
_chem_comp.formula
DA DNA linking 2'-DEOXYADENOSINE-5'-MONOPHOSPHATE 'C10 H14 N5 O6 P'
DC DNA linking 2'-DEOXYCYTIDINE-5'-MONOPHOSPHATE 'C9 H14 N3 O7 P'
DG DNA linking 2'-DEOXYGUANOSINE-5'-MONOPHOSPHATE 'C10 H14 N5 O7 P'
DT DNA linking THYMIDINE-5'-MONOPHOSPHATE 'C10 H15 N2 O8 P'
#
# COMPACT_ATOMS: atom_id res chain seq x y z
N ASP C 4 9.99 -11.27 -19.86
CA ASP C 4 10.89 -10.43 -19.09
C ASP C 4 10.23 -9.10 -18.73
N ARG C 5 8.94 -8.99 -19.02
CA ARG C 5 8.18 -7.78 -18.70
C ARG C 5 7.81 -7.78 -17.22
N VAL C 6 7.77 -6.60 -16.64
CA VAL C 6 7.47 -6.45 -15.21
C VAL C 6 5.95 -6.49 -15.02
N LYS C 7 5.50 -7.38 -14.14
CA LYS C 7 4.09 -7.50 -13.81
C LYS C 7 3.78 -6.70 -12.55
N ARG C 8 2.52 -6.27 -12.44
CA ARG C 8 2.13 -5.48 -11.29
C ARG C 8 1.99 -6.37 -10.05
N PRO C 9 2.24 -5.84 -8.86
CA PRO C 9 2.24 -6.67 -7.65
C PRO C 9 0.82 -7.04 -7.24
N MET C 10 0.70 -8.22 -6.62
CA MET C 10 -0.61 -8.73 -6.27
C MET C 10 -1.01 -8.29 -4.87
N ASN C 11 -2.30 -7.97 -4.72
CA ASN C 11 -2.83 -7.47 -3.47
C ASN C 11 -3.03 -8.62 -2.49
N ALA C 12 -3.75 -8.37 -1.39
CA ALA C 12 -3.92 -9.39 -0.36
C ALA C 12 -4.78 -10.54 -0.86
N PHE C 13 -5.88 -10.21 -1.56
CA PHE C 13 -6.75 -11.25 -2.09
C PHE C 13 -5.96 -12.19 -2.98
N MET C 14 -5.30 -11.67 -4.01
CA MET C 14 -4.54 -12.51 -4.92
C MET C 14 -3.58 -13.44 -4.18
N VAL C 15 -2.96 -12.97 -3.10
CA VAL C 15 -2.09 -13.83 -2.30
C VAL C 15 -2.89 -14.99 -1.70
N TRP C 16 -3.97 -14.66 -0.99
CA TRP C 16 -4.78 -15.69 -0.34
C TRP C 16 -5.40 -16.66 -1.35
N SER C 17 -5.93 -16.12 -2.44
CA SER C 17 -6.53 -16.93 -3.50
C SER C 17 -5.49 -17.83 -4.15
N ARG C 18 -4.28 -17.32 -4.38
CA ARG C 18 -3.24 -18.15 -4.97
C ARG C 18 -2.89 -19.30 -4.05
N GLY C 19 -2.83 -19.05 -2.75
CA GLY C 19 -2.64 -20.14 -1.81
C GLY C 19 -3.76 -21.17 -1.88
N GLN C 20 -5.01 -20.71 -1.93
CA GLN C 20 -6.14 -21.61 -1.75
C GLN C 20 -6.49 -22.39 -3.02
N ARG C 21 -6.37 -21.78 -4.19
CA ARG C 21 -6.85 -22.44 -5.39
C ARG C 21 -5.95 -23.60 -5.80
N ARG C 22 -4.66 -23.56 -5.44
CA ARG C 22 -3.80 -24.70 -5.69
C ARG C 22 -4.25 -25.91 -4.87
N LYS C 23 -4.53 -25.68 -3.58
CA LYS C 23 -5.05 -26.74 -2.73
C LYS C 23 -6.39 -27.25 -3.26
N MET C 24 -7.25 -26.35 -3.72
CA MET C 24 -8.56 -26.77 -4.18
C MET C 24 -8.49 -27.52 -5.50
N ALA C 25 -7.49 -27.21 -6.33
CA ALA C 25 -7.32 -27.96 -7.58
C ALA C 25 -6.75 -29.34 -7.31
N GLN C 26 -5.78 -29.44 -6.39
CA GLN C 26 -5.32 -30.77 -5.99
C GLN C 26 -6.44 -31.57 -5.32
N GLU C 27 -7.32 -30.90 -4.60
CA GLU C 27 -8.40 -31.58 -3.89
C GLU C 27 -9.37 -32.24 -4.85
N ASN C 28 -10.00 -31.43 -5.71
CA ASN C 28 -10.93 -31.95 -6.71
C ASN C 28 -10.49 -31.41 -8.07
N PRO C 29 -9.78 -32.21 -8.88
CA PRO C 29 -9.43 -31.77 -10.23
C PRO C 29 -10.66 -31.72 -11.13
N LYS C 30 -10.45 -31.46 -12.42
CA LYS C 30 -11.52 -31.33 -13.41
C LYS C 30 -12.51 -30.22 -13.03
N MET C 31 -12.12 -29.34 -12.12
CA MET C 31 -12.93 -28.20 -11.72
C MET C 31 -12.35 -26.93 -12.33
N HIS C 32 -13.20 -26.15 -13.00
CA HIS C 32 -12.74 -24.97 -13.71
C HIS C 32 -12.51 -23.82 -12.74
N ASN C 33 -11.50 -23.00 -13.04
CA ASN C 33 -11.13 -21.92 -12.13
C ASN C 33 -12.21 -20.85 -12.02
N SER C 34 -13.24 -20.88 -12.87
CA SER C 34 -14.33 -19.92 -12.75
C SER C 34 -15.12 -20.15 -11.47
N GLU C 35 -15.64 -21.36 -11.29
CA GLU C 35 -16.33 -21.70 -10.04
C GLU C 35 -15.38 -21.60 -8.85
N ILE C 36 -14.11 -21.97 -9.07
CA ILE C 36 -13.12 -21.86 -8.00
C ILE C 36 -13.01 -20.42 -7.51
N SER C 37 -12.90 -19.48 -8.45
CA SER C 37 -12.74 -18.08 -8.07
C SER C 37 -14.02 -17.52 -7.46
N LYS C 38 -15.18 -17.93 -7.96
CA LYS C 38 -16.43 -17.53 -7.33
C LYS C 38 -16.46 -17.96 -5.87
N ARG C 39 -16.13 -19.23 -5.61
CA ARG C 39 -16.16 -19.74 -4.24
C ARG C 39 -15.09 -19.07 -3.38
N LEU C 40 -13.92 -18.80 -3.95
CA LEU C 40 -12.84 -18.17 -3.19
C LEU C 40 -13.25 -16.76 -2.75
N GLY C 41 -13.79 -15.97 -3.67
CA GLY C 41 -14.28 -14.65 -3.29
C GLY C 41 -15.40 -14.72 -2.26
N ALA C 42 -16.32 -15.66 -2.44
CA ALA C 42 -17.41 -15.80 -1.47
C ALA C 42 -16.88 -16.13 -0.08
N GLU C 43 -15.82 -16.94 -0.02
CA GLU C 43 -15.24 -17.29 1.28
C GLU C 43 -14.49 -16.11 1.88
N TRP C 44 -13.70 -15.43 1.06
CA TRP C 44 -12.93 -14.28 1.54
C TRP C 44 -13.84 -13.20 2.10
N LYS C 45 -14.99 -12.95 1.46
CA LYS C 45 -15.92 -11.95 1.97
C LYS C 45 -16.35 -12.24 3.41
N LEU C 46 -16.30 -13.51 3.83
CA LEU C 46 -16.77 -13.88 5.16
C LEU C 46 -15.69 -13.89 6.23
N LEU C 47 -14.43 -13.67 5.86
CA LEU C 47 -13.35 -13.68 6.83
C LEU C 47 -13.36 -12.39 7.65
N SER C 48 -12.89 -12.50 8.89
CA SER C 48 -12.75 -11.35 9.76
C SER C 48 -11.39 -10.68 9.54
N GLU C 49 -11.29 -9.43 10.02
CA GLU C 49 -10.04 -8.70 9.86
C GLU C 49 -8.88 -9.41 10.56
N THR C 50 -9.16 -10.03 11.70
CA THR C 50 -8.13 -10.81 12.39
C THR C 50 -7.60 -11.91 11.48
N GLU C 51 -8.47 -12.50 10.66
CA GLU C 51 -8.08 -13.57 9.77
C GLU C 51 -7.40 -13.06 8.51
N LYS C 52 -7.79 -11.87 8.04
CA LYS C 52 -7.20 -11.32 6.83
C LYS C 52 -5.85 -10.65 7.08
N ARG C 53 -5.57 -10.28 8.34
CA ARG C 53 -4.36 -9.52 8.70
C ARG C 53 -3.08 -10.02 8.04
N PRO C 54 -2.70 -11.29 8.14
CA PRO C 54 -1.37 -11.69 7.62
C PRO C 54 -1.26 -11.55 6.11
N PHE C 55 -2.33 -11.80 5.36
CA PHE C 55 -2.25 -11.65 3.92
C PHE C 55 -2.19 -10.19 3.49
N ILE C 56 -2.90 -9.31 4.19
CA ILE C 56 -2.77 -7.88 3.91
C ILE C 56 -1.34 -7.42 4.19
N ASP C 57 -0.76 -7.89 5.29
CA ASP C 57 0.62 -7.53 5.59
C ASP C 57 1.57 -8.10 4.54
N GLU C 58 1.25 -9.29 4.02
CA GLU C 58 2.10 -9.88 2.99
C GLU C 58 2.02 -9.10 1.69
N ALA C 59 0.83 -8.62 1.34
CA ALA C 59 0.69 -7.78 0.15
C ALA C 59 1.47 -6.47 0.32
N LYS C 60 1.40 -5.87 1.52
CA LYS C 60 2.17 -4.66 1.78
C LYS C 60 3.67 -4.92 1.60
N ARG C 61 4.15 -6.01 2.20
CA ARG C 61 5.56 -6.38 2.03
C ARG C 61 5.89 -6.62 0.56
N LEU C 62 4.93 -7.16 -0.20
CA LEU C 62 5.17 -7.44 -1.62
C LEU C 62 5.31 -6.17 -2.42
N ARG C 63 4.41 -5.21 -2.21
CA ARG C 63 4.53 -3.92 -2.89
C ARG C 63 5.84 -3.22 -2.53
N ALA C 64 6.18 -3.22 -1.23
CA ALA C 64 7.44 -2.60 -0.81
C ALA C 64 8.63 -3.24 -1.50
N LEU C 65 8.68 -4.57 -1.52
CA LEU C 65 9.79 -5.26 -2.18
C LEU C 65 9.76 -5.04 -3.68
N HIS C 66 8.57 -4.81 -4.24
CA HIS C 66 8.47 -4.53 -5.68
C HIS C 66 9.14 -3.20 -6.01
N MET C 67 8.80 -2.16 -5.25
CA MET C 67 9.47 -0.88 -5.46
C MET C 67 10.96 -0.99 -5.17
N LYS C 68 11.34 -1.83 -4.19
CA LYS C 68 12.76 -2.06 -3.94
C LYS C 68 13.45 -2.68 -5.15
N GLU C 69 12.76 -3.59 -5.84
CA GLU C 69 13.33 -4.27 -6.99
C GLU C 69 13.26 -3.41 -8.24
N HIS C 70 12.08 -2.84 -8.52
CA HIS C 70 11.87 -1.99 -9.69
C HIS C 70 11.54 -0.58 -9.23
N PRO C 71 12.55 0.25 -8.96
CA PRO C 71 12.27 1.61 -8.47
C PRO C 71 11.53 2.46 -9.48
N ASP C 72 11.61 2.13 -10.77
CA ASP C 72 11.04 2.95 -11.83
C ASP C 72 9.82 2.29 -12.47
N TYR C 73 9.06 1.54 -11.69
CA TYR C 73 7.87 0.89 -12.21
C TYR C 73 6.71 1.85 -12.32
N LYS C 74 5.89 1.66 -13.35
CA LYS C 74 4.66 2.43 -13.53
C LYS C 74 3.62 1.55 -14.19
N TYR C 75 2.50 1.34 -13.50
CA TYR C 75 1.40 0.55 -14.05
C TYR C 75 0.81 1.26 -15.25
N ARG C 76 0.73 0.55 -16.39
CA ARG C 76 0.37 1.15 -17.67
C ARG C 76 -0.67 0.27 -18.36
N PRO C 77 -1.95 0.48 -18.09
CA PRO C 77 -3.00 -0.31 -18.73
C PRO C 77 -3.26 0.17 -20.16
N ARG C 78 -4.18 -0.52 -20.83
CA ARG C 78 -4.58 -0.22 -22.20
C ARG C 78 -6.10 -0.10 -22.23
N ARG C 79 -6.61 1.14 -22.23
CA ARG C 79 -8.05 1.34 -22.08
C ARG C 79 -8.79 0.89 -23.33
N LYS C 80 -10.02 0.42 -23.12
CA LYS C 80 -10.85 -0.10 -24.21
C LYS C 80 -11.67 1.01 -24.86
N GLY D 1 7.66 31.18 -5.85
CA GLY D 1 8.42 30.47 -6.86
C GLY D 1 9.39 31.37 -7.61
N ALA D 2 10.68 31.12 -7.45
CA ALA D 2 11.70 31.89 -8.16
C ALA D 2 11.62 31.64 -9.66
N ASP D 3 11.79 30.38 -10.07
CA ASP D 3 11.62 29.98 -11.47
C ASP D 3 10.97 28.62 -11.51
N MET D 4 10.20 28.38 -12.58
CA MET D 4 9.44 27.14 -12.68
C MET D 4 10.35 25.93 -12.90
N LYS D 5 11.53 26.13 -13.50
CA LYS D 5 12.41 25.01 -13.80
C LYS D 5 12.85 24.31 -12.53
N ALA D 6 13.59 25.03 -11.67
CA ALA D 6 14.13 24.41 -10.46
C ALA D 6 13.02 24.00 -9.50
N LEU D 7 11.97 24.81 -9.39
CA LEU D 7 10.87 24.46 -8.50
C LEU D 7 10.18 23.18 -8.94
N GLN D 8 9.87 23.07 -10.24
CA GLN D 8 9.21 21.87 -10.72
C GLN D 8 10.13 20.66 -10.66
N LYS D 9 11.45 20.85 -10.81
CA LYS D 9 12.37 19.74 -10.64
C LYS D 9 12.34 19.24 -9.20
N GLU D 10 12.45 20.17 -8.24
CA GLU D 10 12.35 19.80 -6.83
C GLU D 10 11.03 19.11 -6.53
N LEU D 11 9.94 19.60 -7.11
CA LEU D 11 8.63 19.04 -6.85
C LEU D 11 8.49 17.64 -7.44
N GLU D 12 9.01 17.42 -8.66
CA GLU D 12 8.86 16.11 -9.27
C GLU D 12 9.78 15.08 -8.63
N GLN D 13 10.88 15.50 -7.99
CA GLN D 13 11.64 14.53 -7.21
C GLN D 13 11.00 14.30 -5.85
N PHE D 14 10.38 15.32 -5.27
CA PHE D 14 9.62 15.14 -4.03
C PHE D 14 8.48 14.16 -4.23
N ALA D 15 7.84 14.18 -5.41
CA ALA D 15 6.74 13.26 -5.67
C ALA D 15 7.21 11.82 -5.64
N LYS D 16 8.38 11.55 -6.23
CA LYS D 16 8.92 10.19 -6.20
C LYS D 16 9.28 9.79 -4.78
N LEU D 17 9.83 10.72 -4.00
CA LEU D 17 10.14 10.42 -2.60
C LEU D 17 8.87 10.11 -1.82
N LEU D 18 7.79 10.84 -2.11
CA LEU D 18 6.51 10.62 -1.43
C LEU D 18 5.97 9.23 -1.75
N LYS D 19 5.97 8.85 -3.03
CA LYS D 19 5.53 7.52 -3.40
C LYS D 19 6.37 6.44 -2.72
N GLN D 20 7.70 6.63 -2.72
CA GLN D 20 8.58 5.66 -2.08
C GLN D 20 8.24 5.48 -0.60
N LYS D 21 8.03 6.59 0.11
CA LYS D 21 7.71 6.50 1.53
C LYS D 21 6.34 5.85 1.76
N ARG D 22 5.33 6.23 0.98
CA ARG D 22 4.02 5.64 1.18
C ARG D 22 4.03 4.15 0.87
N ILE D 23 4.92 3.70 0.00
CA ILE D 23 5.01 2.27 -0.30
C ILE D 23 5.72 1.55 0.83
N THR D 24 6.84 2.11 1.31
CA THR D 24 7.54 1.45 2.42
C THR D 24 6.74 1.50 3.72
N LEU D 25 5.73 2.36 3.82
CA LEU D 25 4.85 2.36 4.99
C LEU D 25 3.55 1.58 4.78
N GLY D 26 3.30 1.10 3.56
CA GLY D 26 2.18 0.20 3.33
C GLY D 26 0.85 0.87 3.06
N TYR D 27 0.84 2.17 2.76
CA TYR D 27 -0.41 2.87 2.47
C TYR D 27 -0.76 2.76 1.00
N THR D 28 -2.02 2.44 0.72
CA THR D 28 -2.51 2.61 -0.63
C THR D 28 -2.85 4.09 -0.87
N GLN D 29 -3.01 4.45 -2.15
CA GLN D 29 -3.33 5.84 -2.47
C GLN D 29 -4.64 6.27 -1.80
N ALA D 30 -5.65 5.40 -1.80
CA ALA D 30 -6.89 5.71 -1.11
C ALA D 30 -6.66 5.86 0.38
N ASP D 31 -5.72 5.10 0.95
CA ASP D 31 -5.42 5.23 2.37
C ASP D 31 -4.85 6.61 2.68
N VAL D 32 -3.91 7.08 1.85
CA VAL D 32 -3.36 8.41 2.06
C VAL D 32 -4.44 9.47 1.92
N GLY D 33 -5.33 9.32 0.93
CA GLY D 33 -6.42 10.26 0.79
C GLY D 33 -7.31 10.31 2.04
N LEU D 34 -7.66 9.12 2.54
CA LEU D 34 -8.52 9.05 3.71
C LEU D 34 -7.86 9.66 4.94
N THR D 35 -6.56 9.39 5.13
CA THR D 35 -5.87 9.91 6.31
C THR D 35 -5.65 11.42 6.21
N LEU D 36 -5.32 11.93 5.02
CA LEU D 36 -5.26 13.37 4.84
C LEU D 36 -6.59 14.01 5.17
N GLY D 37 -7.68 13.44 4.65
CA GLY D 37 -9.00 13.97 4.96
C GLY D 37 -9.29 13.96 6.45
N VAL D 38 -8.80 12.95 7.16
CA VAL D 38 -9.17 12.83 8.56
C VAL D 38 -8.33 13.72 9.46
N LEU D 39 -7.07 13.98 9.13
CA LEU D 39 -6.26 14.82 10.00
C LEU D 39 -6.18 16.27 9.57
N PHE D 40 -6.73 16.62 8.40
CA PHE D 40 -6.83 18.02 7.98
C PHE D 40 -8.25 18.47 7.69
N GLY D 41 -9.25 17.59 7.86
CA GLY D 41 -10.64 17.97 7.70
C GLY D 41 -11.10 18.24 6.28
N LYS D 42 -10.27 17.98 5.26
CA LYS D 42 -10.65 18.18 3.87
C LYS D 42 -10.42 16.87 3.12
N VAL D 43 -11.48 16.35 2.50
CA VAL D 43 -11.40 15.05 1.83
C VAL D 43 -10.50 15.16 0.60
N PHE D 44 -9.74 14.09 0.34
CA PHE D 44 -8.89 14.00 -0.84
C PHE D 44 -9.11 12.64 -1.46
N SER D 45 -9.53 12.63 -2.73
CA SER D 45 -9.82 11.39 -3.40
C SER D 45 -8.54 10.70 -3.86
N GLN D 46 -8.64 9.39 -4.07
CA GLN D 46 -7.51 8.64 -4.61
C GLN D 46 -7.10 9.19 -5.98
N THR D 47 -8.05 9.75 -6.72
CA THR D 47 -7.76 10.30 -8.04
C THR D 47 -6.74 11.43 -7.94
N THR D 48 -6.99 12.40 -7.05
CA THR D 48 -6.06 13.51 -6.91
C THR D 48 -4.69 13.04 -6.44
N ILE D 49 -4.65 11.97 -5.64
CA ILE D 49 -3.36 11.46 -5.17
C ILE D 49 -2.59 10.80 -6.31
N SER D 50 -3.28 10.01 -7.14
CA SER D 50 -2.64 9.44 -8.30
C SER D 50 -2.10 10.54 -9.22
N ARG D 51 -2.90 11.59 -9.43
CA ARG D 51 -2.46 12.67 -10.29
C ARG D 51 -1.25 13.39 -9.71
N PHE D 52 -1.23 13.56 -8.39
CA PHE D 52 -0.07 14.15 -7.73
C PHE D 52 1.17 13.29 -7.96
N GLU D 53 1.06 11.99 -7.69
CA GLU D 53 2.20 11.09 -7.87
C GLU D 53 2.62 10.99 -9.33
N ALA D 54 1.74 11.37 -10.27
CA ALA D 54 2.08 11.41 -11.68
C ALA D 54 2.43 12.81 -12.17
N LEU D 55 2.66 13.76 -11.26
CA LEU D 55 2.89 15.17 -11.56
C LEU D 55 1.92 15.69 -12.61
N GLN D 56 0.68 15.22 -12.56
CA GLN D 56 -0.38 15.63 -13.46
C GLN D 56 -1.31 16.67 -12.83
N LEU D 57 -0.77 17.51 -11.94
CA LEU D 57 -1.55 18.52 -11.26
C LEU D 57 -0.94 19.89 -11.49
N SER D 58 -1.80 20.90 -11.44
CA SER D 58 -1.36 22.29 -11.52
C SER D 58 -0.26 22.55 -10.50
N LEU D 59 0.81 23.21 -10.93
CA LEU D 59 1.93 23.49 -10.03
C LEU D 59 1.46 24.15 -8.75
N LYS D 60 0.45 25.02 -8.84
CA LYS D 60 -0.07 25.64 -7.63
C LYS D 60 -0.72 24.59 -6.73
N ASN D 61 -1.40 23.59 -7.32
CA ASN D 61 -1.97 22.53 -6.49
C ASN D 61 -0.90 21.61 -5.93
N MET D 62 0.14 21.34 -6.72
CA MET D 62 1.26 20.54 -6.22
C MET D 62 1.90 21.20 -5.00
N SER D 63 2.20 22.49 -5.10
CA SER D 63 2.79 23.21 -3.98
C SER D 63 1.79 23.44 -2.85
N LYS D 64 0.50 23.48 -3.15
CA LYS D 64 -0.51 23.64 -2.11
C LYS D 64 -0.64 22.37 -1.29
N LEU D 65 -0.47 21.21 -1.90
CA LEU D 65 -0.57 19.95 -1.17
C LEU D 65 0.75 19.48 -0.58
N ARG D 66 1.89 19.94 -1.11
CA ARG D 66 3.19 19.49 -0.60
C ARG D 66 3.33 19.65 0.91
N PRO D 67 3.00 20.78 1.54
CA PRO D 67 3.11 20.85 3.00
C PRO D 67 2.15 19.90 3.71
N LEU D 68 0.95 19.71 3.15
CA LEU D 68 0.01 18.76 3.73
C LEU D 68 0.61 17.36 3.75
N LEU D 69 1.18 16.94 2.63
CA LEU D 69 1.82 15.63 2.57
C LEU D 69 3.02 15.54 3.50
N GLU D 70 3.76 16.63 3.69
CA GLU D 70 4.89 16.58 4.61
C GLU D 70 4.44 16.35 6.04
N LYS D 71 3.40 17.06 6.49
CA LYS D 71 2.86 16.79 7.82
C LYS D 71 2.32 15.37 7.91
N TRP D 72 1.67 14.90 6.84
CA TRP D 72 1.13 13.56 6.83
C TRP D 72 2.23 12.51 6.98
N VAL D 73 3.35 12.71 6.27
CA VAL D 73 4.43 11.71 6.32
C VAL D 73 5.13 11.78 7.66
N GLU D 74 5.21 12.96 8.28
CA GLU D 74 5.73 13.03 9.64
C GLU D 74 4.88 12.20 10.59
N GLU D 75 3.56 12.38 10.54
CA GLU D 75 2.68 11.64 11.44
C GLU D 75 2.70 10.14 11.14
N ALA D 76 2.76 9.77 9.85
CA ALA D 76 2.79 8.36 9.49
C ALA D 76 4.07 7.70 9.98
N ASP D 77 5.21 8.38 9.83
CA ASP D 77 6.47 7.78 10.28
C ASP D 77 6.53 7.69 11.80
N ASN D 78 5.97 8.69 12.49
CA ASN D 78 5.86 8.58 13.95
C ASN D 78 5.04 7.36 14.33
N ASN D 79 3.89 7.17 13.69
CA ASN D 79 3.05 6.03 14.00
C ASN D 79 3.77 4.71 13.72
N GLU D 80 4.54 4.65 12.63
CA GLU D 80 5.26 3.43 12.30
C GLU D 80 6.32 3.12 13.34
N ASN D 81 7.10 4.13 13.75
CA ASN D 81 8.11 3.89 14.77
C ASN D 81 7.47 3.47 16.08
N LEU D 82 6.33 4.07 16.42
CA LEU D 82 5.60 3.69 17.63
C LEU D 82 5.18 2.23 17.58
N GLN D 83 4.56 1.82 16.47
CA GLN D 83 4.10 0.44 16.34
C GLN D 83 5.28 -0.53 16.39
N GLU D 84 6.40 -0.17 15.77
CA GLU D 84 7.57 -1.04 15.76
C GLU D 84 8.11 -1.25 17.16
N ILE D 85 8.25 -0.16 17.92
CA ILE D 85 8.73 -0.26 19.30
C ILE D 85 7.76 -1.07 20.15
N SER D 86 6.45 -0.85 19.97
CA SER D 86 5.47 -1.57 20.76
C SER D 86 5.47 -3.06 20.44
N LYS D 87 5.65 -3.41 19.17
CA LYS D 87 5.70 -4.82 18.78
C LYS D 87 6.92 -5.51 19.38
N SER D 88 8.10 -4.87 19.31
CA SER D 88 9.28 -5.48 19.93
C SER D 88 9.10 -5.61 21.44
N GLU D 89 8.46 -4.61 22.06
CA GLU D 89 8.23 -4.66 23.50
C GLU D 89 7.34 -5.84 23.87
N THR D 90 6.24 -6.02 23.13
CA THR D 90 5.34 -7.14 23.39
C THR D 90 6.02 -8.48 23.10
N LEU D 91 6.95 -8.51 22.14
CA LEU D 91 7.68 -9.75 21.89
C LEU D 91 8.58 -10.10 23.07
N VAL D 92 9.28 -9.12 23.61
CA VAL D 92 10.10 -9.37 24.80
C VAL D 92 9.21 -9.80 25.97
N GLN D 93 8.04 -9.19 26.09
CA GLN D 93 7.10 -9.56 27.15
C GLN D 93 6.61 -11.00 26.98
N ALA D 94 6.38 -11.41 25.73
CA ALA D 94 5.97 -12.78 25.45
C ALA D 94 7.09 -13.77 25.78
N ARG D 95 8.33 -13.41 25.47
CA ARG D 95 9.47 -14.22 25.89
C ARG D 95 9.48 -14.39 27.40
N LYS D 96 9.31 -13.29 28.13
CA LYS D 96 9.31 -13.36 29.60
C LYS D 96 8.20 -14.27 30.10
N ARG D 97 6.98 -14.09 29.59
CA ARG D 97 5.85 -14.87 30.06
C ARG D 97 6.02 -16.35 29.73
N LYS D 98 6.52 -16.67 28.53
CA LYS D 98 6.65 -18.06 28.13
C LYS D 98 7.77 -18.77 28.90
N ARG D 99 8.92 -18.11 29.06
CA ARG D 99 10.01 -18.71 29.81
C ARG D 99 9.68 -18.82 31.30
N THR D 100 8.88 -17.89 31.82
CA THR D 100 8.52 -17.90 33.23
C THR D 100 7.29 -18.77 33.52
N SER D 101 6.59 -19.25 32.49
CA SER D 101 5.42 -20.08 32.68
C SER D 101 5.82 -21.46 33.23
#